data_3MJF
#
_entry.id   3MJF
#
_cell.length_a   68.637
_cell.length_b   69.151
_cell.length_c   95.166
_cell.angle_alpha   90.000
_cell.angle_beta   90.000
_cell.angle_gamma   90.000
#
_symmetry.space_group_name_H-M   'P 21 21 21'
#
loop_
_entity.id
_entity.type
_entity.pdbx_description
1 polymer 'Phosphoribosylamine--glycine ligase'
2 non-polymer GLYCEROL
3 non-polymer 'TRIETHYLENE GLYCOL'
4 non-polymer DI(HYDROXYETHYL)ETHER
5 non-polymer 1,2-ETHANEDIOL
6 non-polymer BETA-MERCAPTOETHANOL
7 non-polymer 'SULFATE ION'
8 non-polymer 'SODIUM ION'
9 water water
#
_entity_poly.entity_id   1
_entity_poly.type   'polypeptide(L)'
_entity_poly.pdbx_seq_one_letter_code
;SNA(MSE)NILIIGNGGREHALGWKAAQSPLADKIYVAPGNAGTALEPTLENVDIAATDIAGLLAFAQSHDIGLTIVGPE
APLVIGVVDAFRAAGLAIFGPTQAAAQLEGSKAFTKDFLARHNIPSAEYQNFTDVEAALAYVRQKGAPIVIKADGLAAGK
GVIVA(MSE)TQEEAETAVND(MSE)LAGNAFGDAGHRIVVEEFLDGEEASFIV(MSE)VDGENVLP(MSE)ATSQDHKR
VGDGDTGPNTGG(MSE)GAYSPAPVVTDDVHQRV(MSE)DQVIWPTVRG(MSE)AAEGNIYTGFLYAGL(MSE)ISADGQ
PKVIEFNCRFGDPETQPI(MSE)LR(MSE)RSDLVELCLAGTQGKLNEKTSDWDERPSLGVVLAAGGYPADYRQGDVIHG
LPQQEVKDGKVFHAGTKLNGNHEVVTNGGRVLCVTALGETVAQAQQYAYQLAEGIQWEGVFCRKDIGYRAIARGK
;
_entity_poly.pdbx_strand_id   A
#
loop_
_chem_comp.id
_chem_comp.type
_chem_comp.name
_chem_comp.formula
BME non-polymer BETA-MERCAPTOETHANOL 'C2 H6 O S'
EDO non-polymer 1,2-ETHANEDIOL 'C2 H6 O2'
GOL non-polymer GLYCEROL 'C3 H8 O3'
NA non-polymer 'SODIUM ION' 'Na 1'
PEG non-polymer DI(HYDROXYETHYL)ETHER 'C4 H10 O3'
PGE non-polymer 'TRIETHYLENE GLYCOL' 'C6 H14 O4'
SO4 non-polymer 'SULFATE ION' 'O4 S -2'
#
# COMPACT_ATOMS: atom_id res chain seq x y z
N ALA A 3 13.22 -27.20 -9.46
CA ALA A 3 12.40 -25.95 -9.31
C ALA A 3 11.12 -26.22 -8.50
N MSE A 4 10.58 -25.18 -7.87
CA MSE A 4 9.39 -25.25 -6.99
CA MSE A 4 9.35 -25.41 -7.13
C MSE A 4 8.23 -24.59 -7.71
O MSE A 4 8.42 -23.59 -8.38
CB MSE A 4 9.58 -24.37 -5.73
CB MSE A 4 9.53 -25.09 -5.68
CG MSE A 4 10.53 -24.86 -4.64
CG MSE A 4 9.86 -23.63 -5.45
SE MSE A 4 10.48 -23.77 -3.04
SE MSE A 4 10.01 -23.23 -3.60
CE MSE A 4 10.46 -21.99 -3.83
CE MSE A 4 11.29 -21.81 -3.69
N ASN A 5 7.04 -25.11 -7.52
CA ASN A 5 5.84 -24.41 -7.96
C ASN A 5 5.47 -23.34 -6.94
N ILE A 6 5.01 -22.23 -7.42
CA ILE A 6 4.74 -21.02 -6.62
C ILE A 6 3.25 -20.65 -6.74
N LEU A 7 2.63 -20.23 -5.61
CA LEU A 7 1.27 -19.70 -5.59
C LEU A 7 1.32 -18.25 -5.08
N ILE A 8 0.75 -17.36 -5.87
CA ILE A 8 0.49 -15.98 -5.47
C ILE A 8 -0.98 -15.86 -5.18
N ILE A 9 -1.33 -15.39 -4.00
CA ILE A 9 -2.73 -15.21 -3.65
C ILE A 9 -3.11 -13.74 -3.81
N GLY A 10 -4.16 -13.54 -4.61
CA GLY A 10 -4.76 -12.24 -4.81
C GLY A 10 -5.02 -11.93 -6.26
N ASN A 11 -5.40 -10.66 -6.52
CA ASN A 11 -5.87 -10.31 -7.87
CA ASN A 11 -5.88 -10.31 -7.85
C ASN A 11 -5.66 -8.84 -8.25
N GLY A 12 -4.83 -8.15 -7.50
CA GLY A 12 -4.46 -6.79 -7.78
C GLY A 12 -3.19 -6.60 -8.59
N GLY A 13 -2.83 -5.34 -8.75
CA GLY A 13 -1.64 -5.02 -9.50
C GLY A 13 -0.37 -5.42 -8.78
N ARG A 14 -0.37 -5.34 -7.45
CA ARG A 14 0.77 -5.87 -6.68
C ARG A 14 0.98 -7.35 -7.00
N GLU A 15 -0.14 -8.10 -7.14
CA GLU A 15 -0.02 -9.56 -7.36
C GLU A 15 0.42 -9.88 -8.75
N HIS A 16 -0.02 -9.12 -9.75
CA HIS A 16 0.52 -9.27 -11.10
C HIS A 16 2.03 -9.04 -11.06
N ALA A 17 2.46 -7.96 -10.42
CA ALA A 17 3.88 -7.69 -10.34
C ALA A 17 4.68 -8.77 -9.61
N LEU A 18 4.18 -9.25 -8.46
CA LEU A 18 4.84 -10.29 -7.73
C LEU A 18 4.96 -11.56 -8.60
N GLY A 19 3.89 -11.94 -9.26
CA GLY A 19 3.89 -13.13 -10.11
C GLY A 19 4.83 -12.99 -11.28
N TRP A 20 4.80 -11.83 -11.93
CA TRP A 20 5.69 -11.53 -13.06
C TRP A 20 7.15 -11.64 -12.66
N LYS A 21 7.48 -11.11 -11.51
CA LYS A 21 8.84 -11.18 -11.01
C LYS A 21 9.24 -12.60 -10.61
N ALA A 22 8.34 -13.28 -9.92
CA ALA A 22 8.59 -14.67 -9.52
C ALA A 22 8.89 -15.57 -10.71
N ALA A 23 8.19 -15.31 -11.81
CA ALA A 23 8.35 -16.08 -13.05
C ALA A 23 9.72 -15.98 -13.64
N GLN A 24 10.49 -14.97 -13.25
CA GLN A 24 11.85 -14.82 -13.74
C GLN A 24 12.85 -15.71 -13.01
N SER A 25 12.46 -16.30 -11.88
CA SER A 25 13.40 -17.05 -11.05
C SER A 25 13.70 -18.41 -11.62
N PRO A 26 14.98 -18.79 -11.68
CA PRO A 26 15.28 -20.15 -12.06
C PRO A 26 14.81 -21.17 -11.04
N LEU A 27 14.45 -20.71 -9.83
CA LEU A 27 13.97 -21.55 -8.77
C LEU A 27 12.47 -21.89 -8.92
N ALA A 28 11.80 -21.30 -9.89
CA ALA A 28 10.36 -21.46 -10.05
C ALA A 28 10.08 -22.32 -11.25
N ASP A 29 9.14 -23.24 -11.08
CA ASP A 29 8.59 -24.06 -12.18
C ASP A 29 7.29 -23.43 -12.65
N LYS A 30 6.15 -23.91 -12.14
CA LYS A 30 4.88 -23.30 -12.48
C LYS A 30 4.58 -22.21 -11.46
N ILE A 31 3.95 -21.15 -11.92
CA ILE A 31 3.51 -20.04 -11.06
CA ILE A 31 3.54 -20.00 -11.09
C ILE A 31 2.03 -19.79 -11.29
N TYR A 32 1.28 -19.96 -10.20
CA TYR A 32 -0.14 -19.80 -10.19
C TYR A 32 -0.57 -18.54 -9.45
N VAL A 33 -1.69 -17.96 -9.88
CA VAL A 33 -2.22 -16.77 -9.22
C VAL A 33 -3.69 -17.06 -8.93
N ALA A 34 -4.11 -16.97 -7.68
CA ALA A 34 -5.49 -17.30 -7.24
C ALA A 34 -6.15 -16.08 -6.61
N PRO A 35 -7.15 -15.48 -7.29
CA PRO A 35 -7.72 -15.83 -8.57
C PRO A 35 -7.04 -15.18 -9.76
N GLY A 36 -6.17 -14.20 -9.51
CA GLY A 36 -5.55 -13.47 -10.59
C GLY A 36 -6.51 -12.51 -11.27
N ASN A 37 -6.08 -11.93 -12.39
CA ASN A 37 -6.89 -10.95 -13.12
C ASN A 37 -6.57 -11.10 -14.62
N ALA A 38 -7.01 -10.16 -15.46
CA ALA A 38 -6.77 -10.34 -16.90
C ALA A 38 -5.28 -10.27 -17.24
N GLY A 39 -4.51 -9.51 -16.46
CA GLY A 39 -3.10 -9.36 -16.76
C GLY A 39 -2.35 -10.66 -16.52
N THR A 40 -2.65 -11.33 -15.43
CA THR A 40 -2.01 -12.59 -15.12
C THR A 40 -2.53 -13.69 -16.05
N ALA A 41 -3.77 -13.61 -16.47
CA ALA A 41 -4.29 -14.54 -17.53
C ALA A 41 -3.47 -14.41 -18.83
N LEU A 42 -3.28 -13.15 -19.24
CA LEU A 42 -2.52 -12.87 -20.47
C LEU A 42 -1.03 -13.20 -20.37
N GLU A 43 -0.47 -13.08 -19.17
CA GLU A 43 0.95 -13.35 -18.95
C GLU A 43 1.23 -14.81 -19.29
N PRO A 44 2.15 -15.08 -20.23
CA PRO A 44 2.29 -16.50 -20.60
C PRO A 44 2.88 -17.41 -19.54
N THR A 45 3.59 -16.82 -18.59
CA THR A 45 4.31 -17.53 -17.56
C THR A 45 3.48 -17.77 -16.29
N LEU A 46 2.27 -17.21 -16.21
CA LEU A 46 1.39 -17.31 -15.04
C LEU A 46 0.11 -18.02 -15.37
N GLU A 47 -0.38 -18.82 -14.43
CA GLU A 47 -1.63 -19.55 -14.62
C GLU A 47 -2.61 -19.13 -13.57
N ASN A 48 -3.73 -18.56 -13.99
CA ASN A 48 -4.78 -18.23 -13.04
C ASN A 48 -5.49 -19.49 -12.56
N VAL A 49 -5.89 -19.46 -11.29
CA VAL A 49 -6.59 -20.54 -10.61
CA VAL A 49 -6.65 -20.56 -10.74
C VAL A 49 -7.89 -19.96 -10.06
N ASP A 50 -9.03 -20.53 -10.42
CA ASP A 50 -10.33 -19.98 -10.03
C ASP A 50 -10.73 -20.33 -8.59
N ILE A 51 -10.01 -19.73 -7.65
CA ILE A 51 -10.26 -19.90 -6.23
C ILE A 51 -10.16 -18.50 -5.63
N ALA A 52 -11.15 -18.11 -4.81
CA ALA A 52 -11.18 -16.82 -4.19
C ALA A 52 -10.05 -16.69 -3.21
N ALA A 53 -9.56 -15.47 -3.05
CA ALA A 53 -8.45 -15.23 -2.15
C ALA A 53 -8.79 -15.49 -0.71
N THR A 54 -10.08 -15.44 -0.36
CA THR A 54 -10.55 -15.72 0.99
C THR A 54 -11.18 -17.12 1.18
N ASP A 55 -10.99 -18.01 0.20
CA ASP A 55 -11.41 -19.41 0.34
C ASP A 55 -10.22 -20.25 0.83
N ILE A 56 -10.02 -20.29 2.14
CA ILE A 56 -8.84 -20.91 2.66
CA ILE A 56 -8.86 -20.96 2.75
C ILE A 56 -8.83 -22.40 2.37
N ALA A 57 -9.97 -23.08 2.50
CA ALA A 57 -9.99 -24.52 2.24
C ALA A 57 -9.64 -24.82 0.77
N GLY A 58 -10.17 -24.02 -0.14
CA GLY A 58 -9.87 -24.18 -1.55
C GLY A 58 -8.42 -23.93 -1.89
N LEU A 59 -7.86 -22.91 -1.24
CA LEU A 59 -6.47 -22.57 -1.44
C LEU A 59 -5.56 -23.69 -0.89
N LEU A 60 -5.86 -24.15 0.32
CA LEU A 60 -5.05 -25.21 0.89
CA LEU A 60 -5.11 -25.28 0.93
C LEU A 60 -5.14 -26.51 0.04
N ALA A 61 -6.36 -26.87 -0.41
CA ALA A 61 -6.52 -28.06 -1.24
C ALA A 61 -5.67 -27.96 -2.52
N PHE A 62 -5.66 -26.76 -3.12
CA PHE A 62 -4.88 -26.48 -4.31
C PHE A 62 -3.40 -26.65 -4.01
N ALA A 63 -2.93 -26.06 -2.93
CA ALA A 63 -1.51 -26.12 -2.60
C ALA A 63 -1.08 -27.56 -2.34
N GLN A 64 -1.94 -28.32 -1.69
CA GLN A 64 -1.67 -29.72 -1.39
C GLN A 64 -1.76 -30.65 -2.58
N SER A 65 -2.40 -30.21 -3.63
CA SER A 65 -2.60 -31.04 -4.81
C SER A 65 -1.76 -30.65 -6.01
N HIS A 66 -1.15 -29.47 -5.97
CA HIS A 66 -0.32 -28.97 -7.06
C HIS A 66 1.15 -28.70 -6.65
N ASP A 67 1.58 -29.38 -5.59
CA ASP A 67 2.96 -29.42 -5.16
C ASP A 67 3.54 -28.02 -5.07
N ILE A 68 2.82 -27.18 -4.32
CA ILE A 68 3.25 -25.79 -4.14
C ILE A 68 4.32 -25.64 -3.04
N GLY A 69 5.53 -25.30 -3.47
CA GLY A 69 6.66 -25.17 -2.56
C GLY A 69 6.76 -23.84 -1.87
N LEU A 70 6.12 -22.81 -2.41
CA LEU A 70 6.12 -21.51 -1.75
C LEU A 70 4.85 -20.77 -2.17
N THR A 71 4.16 -20.22 -1.20
CA THR A 71 3.02 -19.32 -1.36
C THR A 71 3.36 -17.90 -0.87
N ILE A 72 2.98 -16.90 -1.65
CA ILE A 72 3.24 -15.53 -1.31
C ILE A 72 1.91 -14.82 -1.28
N VAL A 73 1.61 -14.14 -0.18
CA VAL A 73 0.29 -13.49 0.00
C VAL A 73 0.39 -12.00 -0.17
N GLY A 74 -0.41 -11.49 -1.08
CA GLY A 74 -0.39 -10.03 -1.33
C GLY A 74 -1.33 -9.17 -0.47
N PRO A 75 -2.63 -9.47 -0.52
CA PRO A 75 -3.61 -8.54 0.05
C PRO A 75 -4.00 -8.88 1.50
N GLU A 76 -4.70 -7.96 2.09
CA GLU A 76 -5.15 -8.04 3.46
C GLU A 76 -6.16 -9.12 3.78
N ALA A 77 -7.17 -9.26 2.94
CA ALA A 77 -8.29 -10.14 3.24
C ALA A 77 -7.97 -11.59 3.64
N PRO A 78 -7.11 -12.26 2.87
CA PRO A 78 -6.73 -13.63 3.27
C PRO A 78 -5.90 -13.68 4.55
N LEU A 79 -5.13 -12.61 4.80
CA LEU A 79 -4.28 -12.59 5.99
C LEU A 79 -5.09 -12.49 7.25
N VAL A 80 -6.09 -11.61 7.26
CA VAL A 80 -6.86 -11.38 8.44
C VAL A 80 -7.81 -12.50 8.81
N ILE A 81 -7.99 -13.46 7.90
CA ILE A 81 -8.75 -14.67 8.24
C ILE A 81 -7.86 -15.90 8.45
N GLY A 82 -6.56 -15.70 8.43
CA GLY A 82 -5.60 -16.73 8.83
C GLY A 82 -5.20 -17.72 7.76
N VAL A 83 -5.06 -17.28 6.52
CA VAL A 83 -4.53 -18.19 5.49
C VAL A 83 -3.14 -18.72 5.86
N VAL A 84 -2.33 -17.84 6.48
CA VAL A 84 -1.00 -18.25 6.87
C VAL A 84 -1.03 -19.33 7.96
N ASP A 85 -1.90 -19.13 8.95
CA ASP A 85 -2.02 -20.12 10.03
C ASP A 85 -2.39 -21.48 9.44
N ALA A 86 -3.34 -21.46 8.51
CA ALA A 86 -3.87 -22.69 7.90
C ALA A 86 -2.77 -23.40 7.10
N PHE A 87 -2.06 -22.64 6.28
CA PHE A 87 -1.00 -23.21 5.48
C PHE A 87 0.11 -23.79 6.38
N ARG A 88 0.52 -23.05 7.40
CA ARG A 88 1.58 -23.53 8.25
C ARG A 88 1.18 -24.76 9.05
N ALA A 89 -0.09 -24.86 9.45
CA ALA A 89 -0.57 -26.03 10.18
C ALA A 89 -0.45 -27.27 9.30
N ALA A 90 -0.53 -27.07 7.98
CA ALA A 90 -0.42 -28.13 6.95
C ALA A 90 1.01 -28.35 6.45
N GLY A 91 1.97 -27.63 7.02
CA GLY A 91 3.38 -27.84 6.68
C GLY A 91 3.86 -27.14 5.44
N LEU A 92 3.06 -26.17 4.95
CA LEU A 92 3.36 -25.51 3.69
C LEU A 92 4.08 -24.19 3.94
N ALA A 93 5.07 -23.86 3.11
CA ALA A 93 5.83 -22.64 3.22
C ALA A 93 5.02 -21.48 2.61
N ILE A 94 4.84 -20.44 3.43
CA ILE A 94 4.03 -19.28 3.06
C ILE A 94 4.59 -18.00 3.65
N PHE A 95 4.76 -17.00 2.77
CA PHE A 95 5.34 -15.72 3.14
C PHE A 95 4.21 -14.69 3.31
N GLY A 96 3.94 -14.41 4.59
CA GLY A 96 2.87 -13.52 5.03
C GLY A 96 2.71 -13.63 6.54
N PRO A 97 1.97 -12.69 7.14
CA PRO A 97 1.74 -12.70 8.57
C PRO A 97 0.60 -13.66 8.96
N THR A 98 0.73 -14.24 10.15
CA THR A 98 -0.38 -14.93 10.79
C THR A 98 -1.55 -13.94 11.03
N GLN A 99 -2.72 -14.48 11.28
CA GLN A 99 -3.85 -13.65 11.64
CA GLN A 99 -3.86 -13.65 11.64
C GLN A 99 -3.51 -12.70 12.78
N ALA A 100 -2.83 -13.22 13.80
CA ALA A 100 -2.47 -12.41 14.94
C ALA A 100 -1.52 -11.28 14.59
N ALA A 101 -0.50 -11.61 13.79
CA ALA A 101 0.45 -10.60 13.33
C ALA A 101 -0.20 -9.58 12.36
N ALA A 102 -1.18 -10.07 11.57
CA ALA A 102 -1.89 -9.25 10.60
C ALA A 102 -2.72 -8.16 11.21
N GLN A 103 -2.95 -8.23 12.52
CA GLN A 103 -3.65 -7.15 13.18
C GLN A 103 -2.94 -5.80 13.01
N LEU A 104 -1.63 -5.86 12.85
CA LEU A 104 -0.83 -4.63 12.67
C LEU A 104 -1.13 -3.92 11.38
N GLU A 105 -1.48 -4.66 10.33
CA GLU A 105 -1.89 -4.07 9.07
CA GLU A 105 -1.93 -3.97 9.10
C GLU A 105 -3.42 -3.92 8.91
N GLY A 106 -4.18 -4.75 9.64
CA GLY A 106 -5.63 -4.87 9.44
C GLY A 106 -6.51 -4.05 10.33
N SER A 107 -5.97 -3.67 11.48
CA SER A 107 -6.77 -2.95 12.48
C SER A 107 -6.10 -1.63 12.82
N LYS A 108 -6.77 -0.52 12.51
CA LYS A 108 -6.26 0.80 12.85
CA LYS A 108 -6.25 0.79 12.87
C LYS A 108 -6.17 0.96 14.40
N ALA A 109 -7.18 0.50 15.13
CA ALA A 109 -7.20 0.59 16.62
C ALA A 109 -6.06 -0.19 17.27
N PHE A 110 -5.86 -1.42 16.77
CA PHE A 110 -4.78 -2.27 17.28
C PHE A 110 -3.45 -1.51 17.14
N THR A 111 -3.26 -0.91 15.96
CA THR A 111 -2.00 -0.24 15.68
C THR A 111 -1.84 1.03 16.45
N LYS A 112 -2.89 1.81 16.64
CA LYS A 112 -2.70 3.00 17.46
CA LYS A 112 -2.78 3.01 17.48
C LYS A 112 -2.26 2.62 18.87
N ASP A 113 -2.84 1.56 19.42
CA ASP A 113 -2.44 1.13 20.76
C ASP A 113 -0.99 0.61 20.79
N PHE A 114 -0.66 -0.13 19.75
CA PHE A 114 0.70 -0.69 19.63
C PHE A 114 1.74 0.43 19.55
N LEU A 115 1.50 1.42 18.69
CA LEU A 115 2.42 2.52 18.54
C LEU A 115 2.61 3.25 19.86
N ALA A 116 1.52 3.40 20.60
CA ALA A 116 1.59 4.14 21.87
C ALA A 116 2.42 3.38 22.87
N ARG A 117 2.16 2.10 23.02
CA ARG A 117 2.87 1.38 24.08
C ARG A 117 4.35 1.13 23.78
N HIS A 118 4.74 1.22 22.51
CA HIS A 118 6.11 1.10 22.08
C HIS A 118 6.83 2.42 21.79
N ASN A 119 6.12 3.53 22.04
CA ASN A 119 6.66 4.87 21.82
CA ASN A 119 6.71 4.87 21.82
C ASN A 119 7.23 5.05 20.40
N ILE A 120 6.50 4.54 19.42
CA ILE A 120 6.91 4.64 18.04
C ILE A 120 6.30 5.96 17.52
N PRO A 121 7.11 6.77 16.86
CA PRO A 121 6.62 8.11 16.46
C PRO A 121 5.43 8.02 15.51
N SER A 122 4.42 8.82 15.80
CA SER A 122 3.13 8.74 15.15
C SER A 122 2.27 9.89 15.67
N ALA A 123 1.07 10.08 15.11
CA ALA A 123 0.20 11.19 15.52
C ALA A 123 -0.46 10.97 16.89
N GLU A 124 -0.37 11.96 17.78
CA GLU A 124 -1.13 12.01 19.02
C GLU A 124 -2.58 12.21 18.69
N TYR A 125 -3.46 11.64 19.49
CA TYR A 125 -4.89 11.86 19.29
C TYR A 125 -5.67 11.70 20.55
N GLN A 126 -6.88 12.26 20.56
CA GLN A 126 -7.83 12.11 21.67
CA GLN A 126 -7.83 12.10 21.68
C GLN A 126 -9.24 12.22 21.14
N ASN A 127 -10.14 11.41 21.71
CA ASN A 127 -11.57 11.39 21.32
C ASN A 127 -12.33 12.25 22.27
N PHE A 128 -13.39 12.88 21.75
CA PHE A 128 -14.25 13.72 22.59
C PHE A 128 -15.72 13.64 22.19
N THR A 129 -16.55 13.69 23.24
CA THR A 129 -17.97 14.00 23.11
C THR A 129 -18.34 15.33 23.79
N ASP A 130 -17.49 15.83 24.67
CA ASP A 130 -17.71 17.05 25.41
C ASP A 130 -17.01 18.22 24.78
N VAL A 131 -17.78 19.22 24.38
CA VAL A 131 -17.25 20.33 23.63
C VAL A 131 -16.29 21.13 24.47
N GLU A 132 -16.52 21.21 25.79
CA GLU A 132 -15.58 22.01 26.60
C GLU A 132 -14.21 21.29 26.77
N ALA A 133 -14.22 19.97 26.96
CA ALA A 133 -12.96 19.20 27.03
C ALA A 133 -12.23 19.31 25.68
N ALA A 134 -12.97 19.27 24.58
CA ALA A 134 -12.34 19.33 23.24
C ALA A 134 -11.72 20.69 23.02
N LEU A 135 -12.43 21.75 23.38
CA LEU A 135 -11.91 23.10 23.19
C LEU A 135 -10.64 23.30 24.05
N ALA A 136 -10.67 22.79 25.27
CA ALA A 136 -9.50 22.90 26.14
C ALA A 136 -8.31 22.19 25.55
N TYR A 137 -8.54 21.03 24.93
CA TYR A 137 -7.47 20.31 24.29
C TYR A 137 -6.94 21.03 23.05
N VAL A 138 -7.79 21.54 22.15
CA VAL A 138 -7.26 22.28 20.97
C VAL A 138 -6.66 23.64 21.34
N ARG A 139 -7.09 24.22 22.47
CA ARG A 139 -6.40 25.42 22.99
C ARG A 139 -5.03 25.09 23.53
N GLN A 140 -4.90 23.95 24.19
CA GLN A 140 -3.61 23.51 24.69
CA GLN A 140 -3.60 23.55 24.69
C GLN A 140 -2.64 23.21 23.56
N LYS A 141 -3.08 22.41 22.57
CA LYS A 141 -2.22 22.00 21.43
C LYS A 141 -1.96 23.07 20.41
N GLY A 142 -2.97 23.89 20.14
CA GLY A 142 -2.85 24.94 19.15
C GLY A 142 -2.93 24.31 17.77
N ALA A 143 -3.09 25.19 16.80
CA ALA A 143 -3.12 24.80 15.43
C ALA A 143 -1.71 24.72 14.92
N PRO A 144 -1.48 24.01 13.80
CA PRO A 144 -2.43 23.18 13.04
CA PRO A 144 -2.50 23.22 13.10
C PRO A 144 -2.83 21.90 13.80
N ILE A 145 -4.03 21.40 13.52
CA ILE A 145 -4.53 20.18 14.19
C ILE A 145 -5.67 19.65 13.33
N VAL A 146 -5.99 18.38 13.43
CA VAL A 146 -7.02 17.73 12.58
C VAL A 146 -8.22 17.36 13.46
N ILE A 147 -9.43 17.61 12.97
CA ILE A 147 -10.65 17.26 13.68
CA ILE A 147 -10.66 17.26 13.68
C ILE A 147 -11.52 16.44 12.74
N LYS A 148 -12.00 15.28 13.21
CA LYS A 148 -12.77 14.35 12.37
CA LYS A 148 -12.76 14.34 12.38
C LYS A 148 -14.05 13.92 13.05
N ALA A 149 -15.10 13.78 12.25
CA ALA A 149 -16.39 13.31 12.75
C ALA A 149 -17.05 12.49 11.67
N ASP A 150 -17.94 11.58 12.08
CA ASP A 150 -18.73 10.77 11.15
C ASP A 150 -20.15 11.35 11.04
N GLY A 151 -20.79 11.08 9.91
CA GLY A 151 -22.16 11.46 9.63
C GLY A 151 -22.34 12.59 8.66
N LEU A 152 -21.26 13.24 8.31
CA LEU A 152 -21.29 14.41 7.43
C LEU A 152 -21.12 14.05 5.96
N ALA A 153 -21.22 15.03 5.06
CA ALA A 153 -21.14 14.77 3.64
C ALA A 153 -19.74 14.37 3.24
N ALA A 154 -19.63 13.79 2.06
CA ALA A 154 -18.35 13.37 1.54
C ALA A 154 -17.42 14.59 1.45
N GLY A 155 -16.20 14.51 2.02
CA GLY A 155 -15.26 15.62 1.99
C GLY A 155 -15.37 16.61 3.13
N LYS A 156 -16.35 16.37 4.01
CA LYS A 156 -16.62 17.27 5.10
C LYS A 156 -16.39 16.62 6.46
N GLY A 157 -15.93 15.36 6.47
CA GLY A 157 -15.71 14.65 7.75
C GLY A 157 -14.34 14.87 8.43
N VAL A 158 -13.44 15.50 7.72
CA VAL A 158 -12.10 15.74 8.22
C VAL A 158 -11.78 17.20 7.96
N ILE A 159 -11.47 17.93 9.02
CA ILE A 159 -11.08 19.32 8.93
C ILE A 159 -9.61 19.44 9.36
N VAL A 160 -8.75 19.90 8.47
CA VAL A 160 -7.40 20.24 8.84
C VAL A 160 -7.38 21.72 9.18
N ALA A 161 -7.42 21.99 10.47
CA ALA A 161 -7.50 23.34 11.00
C ALA A 161 -6.14 23.98 11.10
N MSE A 162 -5.92 25.04 10.33
CA MSE A 162 -4.62 25.66 10.26
C MSE A 162 -4.44 26.88 11.11
O MSE A 162 -3.35 27.44 11.15
CB MSE A 162 -4.34 26.07 8.79
CG MSE A 162 -4.28 24.90 7.84
SE MSE A 162 -2.79 23.68 8.15
CE MSE A 162 -1.38 24.94 7.71
N THR A 163 -5.53 27.31 11.75
CA THR A 163 -5.53 28.46 12.66
C THR A 163 -6.31 28.04 13.92
N GLN A 164 -6.15 28.79 15.01
CA GLN A 164 -6.87 28.49 16.23
CA GLN A 164 -6.88 28.49 16.23
C GLN A 164 -8.37 28.59 16.01
N GLU A 165 -8.80 29.65 15.32
CA GLU A 165 -10.22 29.80 15.02
CA GLU A 165 -10.22 29.80 15.07
C GLU A 165 -10.76 28.62 14.23
N GLU A 166 -10.02 28.16 13.21
CA GLU A 166 -10.53 27.06 12.45
C GLU A 166 -10.74 25.82 13.34
N ALA A 167 -9.82 25.62 14.28
CA ALA A 167 -9.91 24.48 15.16
C ALA A 167 -11.11 24.57 16.11
N GLU A 168 -11.31 25.76 16.67
CA GLU A 168 -12.42 25.98 17.57
C GLU A 168 -13.74 25.86 16.85
N THR A 169 -13.79 26.39 15.64
CA THR A 169 -15.00 26.27 14.83
C THR A 169 -15.33 24.83 14.52
N ALA A 170 -14.32 24.05 14.14
CA ALA A 170 -14.55 22.64 13.86
C ALA A 170 -15.10 21.88 15.06
N VAL A 171 -14.48 22.08 16.19
CA VAL A 171 -14.91 21.41 17.41
C VAL A 171 -16.37 21.81 17.74
N ASN A 172 -16.62 23.12 17.73
CA ASN A 172 -17.95 23.58 18.09
C ASN A 172 -19.00 23.08 17.10
N ASP A 173 -18.69 23.10 15.81
CA ASP A 173 -19.65 22.68 14.79
C ASP A 173 -19.89 21.17 14.84
N MSE A 174 -18.83 20.38 15.05
CA MSE A 174 -18.98 18.95 14.96
C MSE A 174 -19.57 18.33 16.21
O MSE A 174 -20.11 17.24 16.12
CB MSE A 174 -17.65 18.30 14.61
CG MSE A 174 -17.18 18.56 13.20
SE MSE A 174 -15.37 17.99 12.86
CE MSE A 174 -15.58 17.51 10.96
N LEU A 175 -19.49 19.02 17.33
CA LEU A 175 -20.10 18.55 18.58
C LEU A 175 -21.39 19.27 18.96
N ALA A 176 -21.84 20.19 18.12
CA ALA A 176 -23.05 21.03 18.40
C ALA A 176 -24.23 20.13 18.68
N GLY A 177 -24.96 20.41 19.77
CA GLY A 177 -26.14 19.62 20.12
C GLY A 177 -25.90 18.59 21.21
N ASN A 178 -24.63 18.26 21.50
CA ASN A 178 -24.35 17.34 22.59
C ASN A 178 -24.65 17.96 23.94
N ALA A 179 -24.34 19.24 24.11
CA ALA A 179 -24.47 19.92 25.41
C ALA A 179 -25.91 19.93 25.88
N PHE A 180 -26.79 20.56 25.11
CA PHE A 180 -28.21 20.67 25.55
CA PHE A 180 -28.19 20.71 25.53
C PHE A 180 -29.07 19.49 25.14
N GLY A 181 -28.79 18.82 24.04
CA GLY A 181 -29.65 17.80 23.51
C GLY A 181 -29.23 16.33 23.50
N ASP A 182 -28.02 16.03 24.01
CA ASP A 182 -27.49 14.70 23.95
CA ASP A 182 -27.45 14.69 23.92
C ASP A 182 -27.61 14.12 22.54
N ALA A 183 -27.16 14.93 21.53
CA ALA A 183 -27.32 14.55 20.14
C ALA A 183 -26.52 13.33 19.72
N GLY A 184 -25.51 12.97 20.50
CA GLY A 184 -24.78 11.75 20.19
C GLY A 184 -23.56 11.84 19.29
N HIS A 185 -23.06 13.06 19.07
CA HIS A 185 -21.92 13.25 18.20
C HIS A 185 -20.59 12.93 18.91
N ARG A 186 -19.57 12.70 18.10
CA ARG A 186 -18.24 12.31 18.62
C ARG A 186 -17.24 12.83 17.63
N ILE A 187 -16.10 13.33 18.14
CA ILE A 187 -15.00 13.70 17.28
C ILE A 187 -13.69 13.03 17.77
N VAL A 188 -12.76 12.97 16.84
CA VAL A 188 -11.37 12.66 17.13
C VAL A 188 -10.53 13.89 16.74
N VAL A 189 -9.66 14.31 17.66
CA VAL A 189 -8.69 15.36 17.41
C VAL A 189 -7.33 14.70 17.27
N GLU A 190 -6.67 14.94 16.17
CA GLU A 190 -5.42 14.25 15.83
C GLU A 190 -4.35 15.26 15.43
N GLU A 191 -3.11 14.97 15.81
CA GLU A 191 -1.94 15.81 15.41
C GLU A 191 -1.86 15.87 13.91
N PHE A 192 -1.60 17.04 13.38
CA PHE A 192 -1.35 17.23 11.95
C PHE A 192 0.09 16.81 11.62
N LEU A 193 0.23 15.85 10.70
CA LEU A 193 1.58 15.37 10.28
C LEU A 193 1.91 16.10 8.98
N ASP A 194 2.87 16.99 9.05
CA ASP A 194 3.31 17.73 7.89
C ASP A 194 4.62 17.18 7.37
N GLY A 195 4.90 17.47 6.11
CA GLY A 195 6.10 16.98 5.48
C GLY A 195 5.77 16.33 4.18
N GLU A 196 6.48 15.26 3.89
CA GLU A 196 6.32 14.55 2.64
C GLU A 196 6.18 13.04 2.92
N GLU A 197 5.27 12.40 2.19
CA GLU A 197 4.97 10.97 2.41
CA GLU A 197 4.98 10.99 2.43
C GLU A 197 6.03 10.07 1.79
N ALA A 198 6.24 8.93 2.41
CA ALA A 198 7.02 7.89 1.77
C ALA A 198 6.42 6.54 2.22
N SER A 199 6.55 5.56 1.35
CA SER A 199 6.22 4.17 1.64
C SER A 199 7.51 3.41 1.90
N PHE A 200 7.57 2.76 3.05
CA PHE A 200 8.76 2.06 3.46
C PHE A 200 8.34 0.61 3.65
N ILE A 201 8.84 -0.26 2.80
CA ILE A 201 8.38 -1.63 2.73
C ILE A 201 9.59 -2.51 3.05
N VAL A 202 9.36 -3.49 3.92
CA VAL A 202 10.37 -4.46 4.33
C VAL A 202 9.84 -5.86 4.27
N MSE A 203 10.75 -6.81 4.07
CA MSE A 203 10.48 -8.24 4.28
CA MSE A 203 10.48 -8.23 4.28
C MSE A 203 10.92 -8.60 5.69
O MSE A 203 11.99 -8.19 6.14
CB MSE A 203 11.28 -9.10 3.31
CB MSE A 203 11.23 -9.09 3.28
CG MSE A 203 10.84 -8.82 1.92
CG MSE A 203 10.73 -8.96 1.86
SE MSE A 203 11.80 -9.88 0.58
SE MSE A 203 11.83 -10.15 0.77
CE MSE A 203 11.08 -11.54 0.93
CE MSE A 203 11.03 -10.04 -0.94
N VAL A 204 10.11 -9.39 6.38
CA VAL A 204 10.37 -9.76 7.78
C VAL A 204 10.27 -11.27 7.93
N ASP A 205 11.24 -11.89 8.61
CA ASP A 205 11.21 -13.34 8.79
C ASP A 205 10.90 -13.77 10.22
N GLY A 206 10.53 -12.81 11.05
CA GLY A 206 10.26 -12.97 12.49
C GLY A 206 11.25 -12.19 13.31
N GLU A 207 12.53 -12.36 12.99
CA GLU A 207 13.60 -11.72 13.73
CA GLU A 207 13.63 -11.73 13.75
C GLU A 207 14.47 -10.79 12.88
N ASN A 208 14.58 -11.08 11.61
CA ASN A 208 15.39 -10.33 10.68
C ASN A 208 14.52 -9.58 9.69
N VAL A 209 15.09 -8.52 9.14
CA VAL A 209 14.45 -7.64 8.23
C VAL A 209 15.31 -7.41 6.99
N LEU A 210 14.68 -7.43 5.80
CA LEU A 210 15.37 -7.08 4.57
C LEU A 210 14.57 -5.94 3.95
N PRO A 211 15.10 -4.70 3.96
CA PRO A 211 14.33 -3.58 3.40
C PRO A 211 14.24 -3.71 1.86
N MSE A 212 13.07 -3.32 1.34
CA MSE A 212 12.90 -3.13 -0.09
C MSE A 212 13.27 -1.67 -0.41
O MSE A 212 13.38 -0.81 0.45
CB MSE A 212 11.47 -3.41 -0.48
CG MSE A 212 10.97 -4.79 -0.18
SE MSE A 212 11.79 -6.16 -1.30
CE MSE A 212 13.30 -6.55 -0.20
N ALA A 213 13.41 -1.39 -1.69
CA ALA A 213 13.59 -0.03 -2.15
C ALA A 213 12.46 0.84 -1.63
N THR A 214 12.78 2.10 -1.37
CA THR A 214 11.76 3.09 -0.96
C THR A 214 10.90 3.50 -2.15
N SER A 215 9.75 4.08 -1.84
CA SER A 215 8.87 4.57 -2.85
C SER A 215 8.02 5.72 -2.31
N GLN A 216 7.40 6.46 -3.22
CA GLN A 216 6.46 7.50 -2.87
C GLN A 216 5.21 7.33 -3.73
N ASP A 217 4.09 7.14 -3.05
CA ASP A 217 2.77 7.06 -3.65
C ASP A 217 2.08 8.42 -3.65
N HIS A 218 0.99 8.47 -4.42
CA HIS A 218 0.20 9.67 -4.59
C HIS A 218 -1.24 9.33 -4.22
N LYS A 219 -1.60 9.51 -2.96
CA LYS A 219 -2.87 8.99 -2.44
C LYS A 219 -4.09 9.79 -2.82
N ARG A 220 -3.99 11.11 -2.94
CA ARG A 220 -5.15 11.93 -3.33
CA ARG A 220 -5.18 11.91 -3.30
C ARG A 220 -5.50 11.71 -4.78
N VAL A 221 -6.77 11.72 -5.10
CA VAL A 221 -7.19 11.36 -6.45
C VAL A 221 -6.80 12.39 -7.49
N GLY A 222 -6.64 13.64 -7.10
CA GLY A 222 -6.43 14.74 -8.04
C GLY A 222 -5.02 15.31 -8.06
N ASP A 223 -4.66 15.85 -9.23
CA ASP A 223 -3.41 16.55 -9.44
C ASP A 223 -3.21 17.61 -8.38
N GLY A 224 -1.95 17.83 -8.00
CA GLY A 224 -1.65 18.77 -6.91
C GLY A 224 -2.15 18.35 -5.54
N ASP A 225 -2.29 17.03 -5.33
CA ASP A 225 -2.75 16.48 -4.04
C ASP A 225 -4.12 17.07 -3.65
N THR A 226 -5.09 16.90 -4.55
CA THR A 226 -6.46 17.43 -4.36
C THR A 226 -7.47 16.28 -4.35
N GLY A 227 -8.67 16.56 -3.84
CA GLY A 227 -9.73 15.59 -3.81
C GLY A 227 -9.59 14.52 -2.73
N PRO A 228 -10.47 13.54 -2.78
CA PRO A 228 -10.48 12.51 -1.76
C PRO A 228 -9.28 11.58 -1.85
N ASN A 229 -9.00 10.93 -0.73
CA ASN A 229 -7.96 9.91 -0.70
C ASN A 229 -8.38 8.66 -1.42
N THR A 230 -7.37 7.94 -1.90
CA THR A 230 -7.50 6.68 -2.63
C THR A 230 -6.46 5.66 -2.10
N GLY A 231 -6.47 4.47 -2.69
CA GLY A 231 -5.45 3.48 -2.42
C GLY A 231 -4.09 3.82 -2.93
N GLY A 232 -4.02 4.81 -3.83
CA GLY A 232 -2.81 5.22 -4.43
C GLY A 232 -2.95 5.32 -5.94
N MSE A 233 -2.58 6.47 -6.49
CA MSE A 233 -2.75 6.74 -7.94
C MSE A 233 -1.47 6.62 -8.76
O MSE A 233 -1.47 6.83 -9.99
CB MSE A 233 -3.32 8.17 -8.12
CG MSE A 233 -4.71 8.34 -7.57
SE MSE A 233 -6.06 7.30 -8.50
CE MSE A 233 -6.10 8.36 -10.14
N GLY A 234 -0.39 6.25 -8.12
CA GLY A 234 0.84 6.01 -8.81
C GLY A 234 2.01 6.24 -7.89
N ALA A 235 3.11 5.55 -8.15
CA ALA A 235 4.27 5.56 -7.25
C ALA A 235 5.54 5.48 -8.08
N TYR A 236 6.61 5.98 -7.48
CA TYR A 236 7.93 5.82 -8.04
C TYR A 236 8.95 5.40 -6.97
N SER A 237 10.06 4.85 -7.41
CA SER A 237 11.13 4.32 -6.54
C SER A 237 12.47 4.65 -7.19
N PRO A 238 13.46 5.09 -6.38
CA PRO A 238 13.42 5.32 -4.94
C PRO A 238 12.90 6.72 -4.64
N ALA A 239 12.56 6.97 -3.38
CA ALA A 239 12.01 8.26 -2.91
C ALA A 239 13.14 9.11 -2.31
N PRO A 240 13.50 10.24 -2.96
CA PRO A 240 14.64 11.04 -2.45
C PRO A 240 14.45 11.60 -1.05
N VAL A 241 13.21 11.74 -0.60
CA VAL A 241 12.98 12.22 0.77
C VAL A 241 13.60 11.26 1.81
N VAL A 242 13.71 9.97 1.45
CA VAL A 242 14.34 9.00 2.33
C VAL A 242 15.86 8.96 1.99
N THR A 243 16.54 9.91 2.62
CA THR A 243 17.99 9.99 2.57
C THR A 243 18.59 8.85 3.38
N ASP A 244 19.90 8.67 3.31
CA ASP A 244 20.53 7.66 4.16
C ASP A 244 20.23 7.91 5.64
N ASP A 245 20.28 9.17 6.07
CA ASP A 245 19.99 9.50 7.47
C ASP A 245 18.55 9.19 7.83
N VAL A 246 17.63 9.52 6.94
CA VAL A 246 16.22 9.21 7.22
C VAL A 246 16.02 7.70 7.26
N HIS A 247 16.69 6.97 6.38
CA HIS A 247 16.57 5.50 6.36
C HIS A 247 16.98 4.91 7.71
N GLN A 248 18.11 5.35 8.24
CA GLN A 248 18.56 4.91 9.56
C GLN A 248 17.54 5.21 10.64
N ARG A 249 16.99 6.42 10.61
CA ARG A 249 15.99 6.78 11.59
C ARG A 249 14.73 5.92 11.51
N VAL A 250 14.31 5.62 10.29
CA VAL A 250 13.18 4.71 10.10
C VAL A 250 13.45 3.33 10.69
N MSE A 251 14.62 2.79 10.40
CA MSE A 251 14.95 1.47 10.91
C MSE A 251 14.98 1.49 12.45
O MSE A 251 14.45 0.63 13.13
CB MSE A 251 16.29 0.99 10.37
CG MSE A 251 16.27 0.72 8.84
SE MSE A 251 15.06 -0.67 8.25
CE MSE A 251 16.17 -2.21 8.74
N ASP A 252 15.63 2.51 13.01
CA ASP A 252 15.84 2.57 14.44
C ASP A 252 14.59 2.92 15.23
N GLN A 253 13.80 3.88 14.72
CA GLN A 253 12.64 4.39 15.47
C GLN A 253 11.32 3.68 15.16
N VAL A 254 11.24 3.10 13.95
CA VAL A 254 10.01 2.47 13.49
C VAL A 254 10.12 0.98 13.31
N ILE A 255 11.00 0.56 12.42
CA ILE A 255 10.98 -0.86 11.96
C ILE A 255 11.45 -1.82 13.05
N TRP A 256 12.64 -1.61 13.61
CA TRP A 256 13.10 -2.53 14.67
C TRP A 256 12.18 -2.55 15.88
N PRO A 257 11.73 -1.36 16.34
CA PRO A 257 10.81 -1.45 17.48
C PRO A 257 9.52 -2.22 17.18
N THR A 258 9.02 -2.07 15.96
CA THR A 258 7.80 -2.79 15.55
C THR A 258 8.02 -4.30 15.49
N VAL A 259 9.08 -4.71 14.80
CA VAL A 259 9.36 -6.13 14.67
C VAL A 259 9.63 -6.76 16.04
N ARG A 260 10.45 -6.09 16.82
CA ARG A 260 10.76 -6.60 18.17
CA ARG A 260 10.77 -6.60 18.15
C ARG A 260 9.55 -6.59 19.09
N GLY A 261 8.74 -5.55 18.98
CA GLY A 261 7.57 -5.41 19.85
C GLY A 261 6.51 -6.46 19.59
N MSE A 262 6.26 -6.73 18.31
CA MSE A 262 5.33 -7.79 17.92
C MSE A 262 5.82 -9.14 18.48
O MSE A 262 5.01 -9.88 19.07
CB MSE A 262 5.18 -7.88 16.39
CG MSE A 262 4.46 -6.70 15.76
SE MSE A 262 2.61 -6.47 16.31
CE MSE A 262 1.89 -8.00 15.32
N ALA A 263 7.11 -9.44 18.36
CA ALA A 263 7.65 -10.70 18.89
C ALA A 263 7.52 -10.72 20.40
N ALA A 264 7.83 -9.59 21.05
CA ALA A 264 7.80 -9.56 22.52
C ALA A 264 6.41 -9.81 23.08
N GLU A 265 5.39 -9.46 22.30
CA GLU A 265 3.98 -9.63 22.70
C GLU A 265 3.45 -10.98 22.32
N GLY A 266 4.26 -11.85 21.75
CA GLY A 266 3.86 -13.17 21.36
C GLY A 266 3.15 -13.27 20.03
N ASN A 267 3.31 -12.23 19.21
CA ASN A 267 2.73 -12.18 17.86
C ASN A 267 3.84 -11.93 16.82
N ILE A 268 4.74 -12.88 16.70
CA ILE A 268 5.90 -12.71 15.81
C ILE A 268 5.39 -12.40 14.41
N TYR A 269 6.03 -11.40 13.77
CA TYR A 269 5.60 -10.92 12.45
C TYR A 269 6.49 -11.49 11.35
N THR A 270 5.82 -12.03 10.33
CA THR A 270 6.47 -12.51 9.14
C THR A 270 5.75 -11.97 7.91
N GLY A 271 6.47 -11.81 6.82
CA GLY A 271 5.87 -11.34 5.58
C GLY A 271 6.32 -9.94 5.19
N PHE A 272 5.67 -9.37 4.16
CA PHE A 272 5.90 -7.97 3.86
C PHE A 272 5.24 -7.10 4.94
N LEU A 273 5.94 -6.06 5.32
CA LEU A 273 5.39 -5.02 6.21
C LEU A 273 5.46 -3.71 5.45
N TYR A 274 4.27 -3.09 5.23
CA TYR A 274 4.15 -1.87 4.44
C TYR A 274 3.89 -0.67 5.38
N ALA A 275 4.91 0.18 5.66
CA ALA A 275 4.79 1.36 6.52
C ALA A 275 4.52 2.60 5.68
N GLY A 276 3.43 3.28 5.94
CA GLY A 276 3.21 4.59 5.39
C GLY A 276 3.73 5.63 6.37
N LEU A 277 4.67 6.42 5.90
CA LEU A 277 5.34 7.38 6.72
C LEU A 277 5.15 8.82 6.28
N MSE A 278 5.20 9.75 7.24
CA MSE A 278 5.39 11.15 6.95
CA MSE A 278 5.40 11.15 6.94
C MSE A 278 6.80 11.54 7.41
O MSE A 278 7.21 11.26 8.55
CB MSE A 278 4.35 11.99 7.69
CB MSE A 278 4.32 12.00 7.61
CG MSE A 278 4.33 13.45 7.28
CG MSE A 278 2.94 11.80 7.00
SE MSE A 278 3.69 13.74 5.48
SE MSE A 278 2.85 12.43 5.12
CE MSE A 278 2.36 12.32 5.35
CE MSE A 278 4.04 13.95 5.41
N ILE A 279 7.57 12.14 6.52
CA ILE A 279 8.92 12.60 6.85
C ILE A 279 8.87 14.10 6.98
N SER A 280 9.23 14.57 8.17
CA SER A 280 9.21 16.00 8.47
C SER A 280 10.33 16.73 7.69
N ALA A 281 10.26 18.05 7.67
CA ALA A 281 11.30 18.84 7.03
C ALA A 281 12.67 18.60 7.62
N ASP A 282 12.74 18.28 8.91
CA ASP A 282 13.99 17.96 9.59
CA ASP A 282 14.04 17.99 9.52
C ASP A 282 14.41 16.51 9.46
N GLY A 283 13.70 15.74 8.65
CA GLY A 283 14.11 14.34 8.36
C GLY A 283 13.72 13.31 9.42
N GLN A 284 12.68 13.60 10.18
CA GLN A 284 12.19 12.69 11.20
C GLN A 284 10.93 11.96 10.72
N PRO A 285 10.90 10.65 10.91
CA PRO A 285 9.74 9.85 10.45
C PRO A 285 8.64 9.73 11.48
N LYS A 286 7.40 9.76 11.01
CA LYS A 286 6.23 9.38 11.80
CA LYS A 286 6.24 9.38 11.81
C LYS A 286 5.42 8.38 11.04
N VAL A 287 4.91 7.38 11.74
CA VAL A 287 4.01 6.42 11.13
C VAL A 287 2.62 7.00 10.95
N ILE A 288 2.13 6.95 9.71
CA ILE A 288 0.74 7.22 9.39
C ILE A 288 -0.07 5.97 9.74
N GLU A 289 0.25 4.86 9.10
CA GLU A 289 -0.38 3.56 9.27
CA GLU A 289 -0.29 3.54 9.41
C GLU A 289 0.60 2.46 8.80
N PHE A 290 0.41 1.26 9.29
CA PHE A 290 0.91 0.06 8.67
C PHE A 290 -0.29 -0.54 7.97
N ASN A 291 -0.26 -0.67 6.67
CA ASN A 291 -1.48 -1.09 5.92
C ASN A 291 -1.07 -1.52 4.56
N CYS A 292 -1.76 -2.53 4.03
CA CYS A 292 -1.47 -2.99 2.69
C CYS A 292 -1.63 -1.96 1.58
N ARG A 293 -2.31 -0.84 1.85
CA ARG A 293 -2.42 0.23 0.85
CA ARG A 293 -2.43 0.24 0.86
C ARG A 293 -1.10 0.94 0.55
N PHE A 294 -0.08 0.70 1.38
CA PHE A 294 1.25 1.21 1.15
C PHE A 294 2.10 0.25 0.33
N GLY A 295 1.47 -0.77 -0.23
CA GLY A 295 2.04 -1.72 -1.11
C GLY A 295 1.55 -1.80 -2.53
N ASP A 296 0.47 -1.10 -2.87
CA ASP A 296 -0.10 -1.10 -4.24
C ASP A 296 -0.57 0.33 -4.50
N PRO A 297 -0.01 1.02 -5.48
CA PRO A 297 0.84 0.58 -6.58
C PRO A 297 2.37 0.69 -6.32
N GLU A 298 2.78 0.72 -5.06
CA GLU A 298 4.19 0.84 -4.79
C GLU A 298 4.96 -0.42 -5.25
N THR A 299 4.37 -1.62 -5.16
CA THR A 299 5.06 -2.86 -5.52
C THR A 299 5.49 -2.85 -6.99
N GLN A 300 4.68 -2.29 -7.85
CA GLN A 300 4.89 -2.34 -9.30
C GLN A 300 6.24 -1.74 -9.75
N PRO A 301 6.52 -0.47 -9.42
CA PRO A 301 7.86 0.07 -9.77
C PRO A 301 8.99 -0.64 -9.04
N ILE A 302 8.78 -1.03 -7.77
CA ILE A 302 9.80 -1.73 -7.06
C ILE A 302 10.20 -3.04 -7.80
N MSE A 303 9.21 -3.81 -8.27
CA MSE A 303 9.52 -5.05 -8.97
C MSE A 303 10.25 -4.80 -10.29
O MSE A 303 11.10 -5.60 -10.68
CB MSE A 303 8.26 -5.87 -9.24
CG MSE A 303 7.65 -6.46 -7.98
SE MSE A 303 8.73 -7.64 -7.00
CE MSE A 303 9.16 -6.61 -5.48
N LEU A 304 9.95 -3.70 -10.95
CA LEU A 304 10.69 -3.38 -12.19
C LEU A 304 12.16 -3.13 -11.95
N ARG A 305 12.49 -2.66 -10.75
CA ARG A 305 13.88 -2.33 -10.39
C ARG A 305 14.62 -3.50 -9.73
N MSE A 306 13.88 -4.49 -9.23
CA MSE A 306 14.51 -5.55 -8.45
C MSE A 306 15.40 -6.42 -9.31
O MSE A 306 14.86 -7.06 -10.25
CB MSE A 306 13.46 -6.40 -7.73
CG MSE A 306 14.09 -7.57 -6.93
SE MSE A 306 12.84 -8.70 -5.96
CE MSE A 306 12.98 -7.50 -4.72
N ARG A 307 16.66 -6.54 -8.98
CA ARG A 307 17.53 -7.50 -9.70
CA ARG A 307 17.60 -7.48 -9.65
C ARG A 307 17.71 -8.82 -8.96
N SER A 308 17.42 -8.84 -7.67
CA SER A 308 17.43 -10.06 -6.90
C SER A 308 16.30 -10.98 -7.30
N ASP A 309 16.43 -12.23 -6.88
CA ASP A 309 15.45 -13.28 -7.13
C ASP A 309 14.41 -13.26 -6.02
N LEU A 310 13.20 -12.90 -6.40
CA LEU A 310 12.09 -12.76 -5.44
C LEU A 310 11.76 -14.09 -4.74
N VAL A 311 11.82 -15.17 -5.51
CA VAL A 311 11.56 -16.49 -4.91
C VAL A 311 12.62 -16.83 -3.86
N GLU A 312 13.88 -16.61 -4.20
CA GLU A 312 14.96 -16.79 -3.23
C GLU A 312 14.72 -16.03 -1.96
N LEU A 313 14.39 -14.77 -2.10
CA LEU A 313 14.22 -13.94 -0.91
C LEU A 313 13.00 -14.30 -0.09
N CYS A 314 11.87 -14.56 -0.76
CA CYS A 314 10.67 -14.96 0.01
C CYS A 314 10.87 -16.33 0.68
N LEU A 315 11.55 -17.25 0.00
CA LEU A 315 11.87 -18.56 0.64
C LEU A 315 12.70 -18.36 1.89
N ALA A 316 13.73 -17.50 1.82
CA ALA A 316 14.57 -17.16 2.97
C ALA A 316 13.71 -16.55 4.06
N GLY A 317 12.73 -15.75 3.64
CA GLY A 317 11.77 -15.17 4.58
C GLY A 317 10.87 -16.10 5.30
N THR A 318 10.70 -17.32 4.77
CA THR A 318 9.97 -18.38 5.47
C THR A 318 10.89 -19.30 6.29
N GLN A 319 12.21 -19.11 6.16
CA GLN A 319 13.20 -20.02 6.78
C GLN A 319 14.00 -19.29 7.84
N GLY A 320 13.67 -18.05 8.18
CA GLY A 320 14.48 -17.32 9.14
C GLY A 320 15.82 -16.89 8.70
N LYS A 321 16.02 -16.74 7.39
CA LYS A 321 17.36 -16.53 6.82
C LYS A 321 17.52 -15.20 6.13
N LEU A 322 16.67 -14.21 6.44
CA LEU A 322 16.85 -12.92 5.74
C LEU A 322 18.15 -12.25 6.11
N ASN A 323 18.68 -12.56 7.28
CA ASN A 323 19.97 -11.94 7.69
C ASN A 323 21.14 -12.41 6.84
N GLU A 324 20.95 -13.44 6.02
CA GLU A 324 21.98 -13.93 5.08
C GLU A 324 21.86 -13.33 3.67
N LYS A 325 20.87 -12.47 3.44
CA LYS A 325 20.56 -12.02 2.11
C LYS A 325 20.78 -10.53 1.97
N THR A 326 21.05 -10.16 0.72
CA THR A 326 21.07 -8.77 0.35
C THR A 326 20.08 -8.61 -0.79
N SER A 327 19.73 -7.39 -1.06
CA SER A 327 18.88 -7.11 -2.22
C SER A 327 19.68 -6.24 -3.20
N ASP A 328 19.49 -6.46 -4.48
CA ASP A 328 20.19 -5.83 -5.58
CA ASP A 328 20.17 -5.72 -5.51
C ASP A 328 19.13 -5.10 -6.42
N TRP A 329 19.44 -3.89 -6.88
CA TRP A 329 18.53 -3.03 -7.56
C TRP A 329 19.13 -2.39 -8.78
N ASP A 330 18.34 -2.20 -9.81
CA ASP A 330 18.73 -1.36 -10.94
C ASP A 330 18.97 0.04 -10.42
N GLU A 331 20.07 0.66 -10.83
CA GLU A 331 20.34 2.02 -10.38
C GLU A 331 19.32 3.05 -10.91
N ARG A 332 18.57 2.72 -11.96
CA ARG A 332 17.60 3.60 -12.49
C ARG A 332 16.32 3.61 -11.70
N PRO A 333 15.69 4.79 -11.62
CA PRO A 333 14.38 4.86 -11.02
C PRO A 333 13.31 4.28 -11.92
N SER A 334 12.17 3.97 -11.28
CA SER A 334 11.02 3.51 -11.99
CA SER A 334 11.00 3.50 -12.00
C SER A 334 9.79 4.22 -11.47
N LEU A 335 8.76 4.30 -12.30
CA LEU A 335 7.54 5.05 -12.00
C LEU A 335 6.35 4.35 -12.64
N GLY A 336 5.25 4.27 -11.87
CA GLY A 336 4.00 3.73 -12.39
C GLY A 336 2.86 4.73 -12.23
N VAL A 337 2.04 4.83 -13.28
CA VAL A 337 0.84 5.67 -13.28
C VAL A 337 -0.41 4.80 -13.33
N VAL A 338 -1.28 4.97 -12.31
CA VAL A 338 -2.54 4.24 -12.31
C VAL A 338 -3.52 4.84 -13.32
N LEU A 339 -4.15 3.97 -14.09
CA LEU A 339 -5.30 4.30 -14.92
C LEU A 339 -6.51 3.73 -14.18
N ALA A 340 -7.41 4.63 -13.83
CA ALA A 340 -8.55 4.34 -12.98
C ALA A 340 -9.87 4.55 -13.73
N ALA A 341 -10.94 3.97 -13.19
CA ALA A 341 -12.28 4.08 -13.73
C ALA A 341 -12.95 5.32 -13.14
N GLY A 342 -13.46 6.17 -14.04
CA GLY A 342 -14.03 7.44 -13.65
C GLY A 342 -15.07 7.26 -12.57
N GLY A 343 -14.97 8.09 -11.54
CA GLY A 343 -15.75 7.95 -10.32
C GLY A 343 -14.99 7.48 -9.10
N TYR A 344 -13.97 6.66 -9.31
CA TYR A 344 -13.11 6.21 -8.22
C TYR A 344 -12.53 7.46 -7.54
N PRO A 345 -12.51 7.50 -6.18
CA PRO A 345 -12.78 6.42 -5.23
C PRO A 345 -14.22 6.28 -4.74
N ALA A 346 -15.15 7.04 -5.30
CA ALA A 346 -16.56 6.78 -5.07
C ALA A 346 -17.02 5.74 -6.10
N ASP A 347 -18.27 5.75 -6.52
CA ASP A 347 -18.79 4.72 -7.42
CA ASP A 347 -18.79 4.72 -7.42
C ASP A 347 -18.21 4.91 -8.83
N TYR A 348 -18.05 3.80 -9.54
CA TYR A 348 -17.45 3.82 -10.85
C TYR A 348 -18.05 2.64 -11.62
N ARG A 349 -17.99 2.70 -12.93
CA ARG A 349 -18.52 1.66 -13.74
C ARG A 349 -17.51 0.51 -13.93
N GLN A 350 -18.06 -0.72 -13.97
CA GLN A 350 -17.31 -1.92 -14.33
CA GLN A 350 -17.31 -1.92 -14.33
C GLN A 350 -17.87 -2.48 -15.64
N GLY A 351 -17.02 -3.18 -16.39
CA GLY A 351 -17.46 -3.86 -17.60
C GLY A 351 -17.09 -3.17 -18.90
N ASP A 352 -16.37 -2.07 -18.83
CA ASP A 352 -15.94 -1.38 -20.06
C ASP A 352 -14.81 -2.13 -20.75
N VAL A 353 -14.91 -2.27 -22.08
CA VAL A 353 -13.84 -2.94 -22.87
C VAL A 353 -12.64 -2.00 -22.95
N ILE A 354 -11.48 -2.56 -22.65
CA ILE A 354 -10.24 -1.78 -22.67
C ILE A 354 -9.59 -1.96 -24.03
N HIS A 355 -9.37 -0.85 -24.68
CA HIS A 355 -8.72 -0.80 -25.98
C HIS A 355 -7.29 -0.28 -25.86
N GLY A 356 -6.44 -0.71 -26.80
CA GLY A 356 -5.09 -0.21 -26.91
C GLY A 356 -4.10 -0.85 -26.00
N LEU A 357 -4.42 -2.00 -25.39
CA LEU A 357 -3.43 -2.70 -24.54
C LEU A 357 -2.28 -3.21 -25.43
N PRO A 358 -1.06 -3.27 -24.88
CA PRO A 358 0.12 -3.69 -25.66
C PRO A 358 0.01 -5.15 -26.08
N GLN A 359 0.40 -5.44 -27.31
CA GLN A 359 0.33 -6.84 -27.67
CA GLN A 359 0.44 -6.75 -27.91
C GLN A 359 1.67 -7.54 -27.48
N GLN A 360 2.73 -6.79 -27.16
CA GLN A 360 4.03 -7.36 -26.85
C GLN A 360 4.64 -6.61 -25.65
N GLU A 361 5.52 -7.27 -24.90
CA GLU A 361 6.29 -6.57 -23.86
C GLU A 361 7.24 -5.58 -24.58
N VAL A 362 7.49 -4.49 -23.89
CA VAL A 362 8.44 -3.51 -24.42
C VAL A 362 9.61 -3.35 -23.50
N LYS A 363 10.67 -2.81 -24.08
CA LYS A 363 11.88 -2.56 -23.34
C LYS A 363 11.59 -1.57 -22.20
N ASP A 364 12.03 -1.99 -21.03
CA ASP A 364 12.03 -1.09 -19.85
C ASP A 364 10.64 -0.58 -19.38
N GLY A 365 9.57 -1.32 -19.74
CA GLY A 365 8.24 -0.91 -19.33
C GLY A 365 7.37 -2.12 -19.13
N LYS A 366 6.27 -1.93 -18.38
CA LYS A 366 5.34 -3.01 -18.14
C LYS A 366 3.98 -2.44 -17.76
N VAL A 367 2.93 -3.00 -18.36
CA VAL A 367 1.56 -2.70 -17.97
C VAL A 367 1.09 -3.75 -16.99
N PHE A 368 0.98 -3.37 -15.71
CA PHE A 368 0.47 -4.29 -14.70
C PHE A 368 -1.02 -4.10 -14.54
N HIS A 369 -1.74 -5.20 -14.53
CA HIS A 369 -3.17 -5.11 -14.37
C HIS A 369 -3.58 -5.23 -12.91
N ALA A 370 -4.63 -4.49 -12.58
CA ALA A 370 -5.27 -4.58 -11.27
C ALA A 370 -6.72 -5.04 -11.46
N GLY A 371 -7.66 -4.09 -11.47
CA GLY A 371 -9.06 -4.43 -11.67
C GLY A 371 -9.46 -4.65 -13.12
N THR A 372 -9.06 -5.82 -13.65
CA THR A 372 -9.42 -6.24 -14.99
C THR A 372 -9.81 -7.72 -14.99
N LYS A 373 -10.66 -8.09 -15.95
CA LYS A 373 -11.11 -9.47 -16.15
C LYS A 373 -11.09 -9.76 -17.64
N LEU A 374 -10.65 -10.98 -18.00
CA LEU A 374 -10.55 -11.44 -19.39
C LEU A 374 -11.80 -12.29 -19.59
N ASN A 375 -12.72 -11.86 -20.45
CA ASN A 375 -13.96 -12.64 -20.61
C ASN A 375 -13.80 -13.71 -21.69
N GLY A 376 -14.85 -14.51 -21.86
CA GLY A 376 -14.84 -15.66 -22.78
C GLY A 376 -14.64 -15.33 -24.25
N ASN A 377 -14.94 -14.08 -24.63
CA ASN A 377 -14.69 -13.60 -25.99
C ASN A 377 -13.31 -12.92 -26.16
N HIS A 378 -12.40 -13.15 -25.20
CA HIS A 378 -11.08 -12.49 -25.14
C HIS A 378 -11.12 -10.97 -25.16
N GLU A 379 -12.19 -10.39 -24.63
CA GLU A 379 -12.19 -8.97 -24.37
C GLU A 379 -11.61 -8.79 -22.95
N VAL A 380 -10.81 -7.74 -22.72
CA VAL A 380 -10.42 -7.34 -21.38
C VAL A 380 -11.35 -6.24 -20.94
N VAL A 381 -12.00 -6.44 -19.80
CA VAL A 381 -12.91 -5.47 -19.27
C VAL A 381 -12.51 -4.93 -17.90
N THR A 382 -12.93 -3.71 -17.63
CA THR A 382 -12.67 -3.06 -16.34
C THR A 382 -13.46 -3.80 -15.25
N ASN A 383 -12.80 -3.96 -14.11
CA ASN A 383 -13.30 -4.80 -13.03
C ASN A 383 -12.84 -4.29 -11.67
N GLY A 384 -12.78 -2.97 -11.50
CA GLY A 384 -12.32 -2.34 -10.27
C GLY A 384 -12.03 -0.87 -10.43
N GLY A 385 -11.76 -0.19 -9.36
CA GLY A 385 -11.59 1.25 -9.37
C GLY A 385 -10.27 1.64 -10.01
N ARG A 386 -9.21 0.95 -9.60
CA ARG A 386 -7.90 1.09 -10.23
C ARG A 386 -7.76 -0.08 -11.17
N VAL A 387 -7.49 0.23 -12.43
CA VAL A 387 -7.57 -0.79 -13.48
C VAL A 387 -6.20 -1.29 -13.96
N LEU A 388 -5.30 -0.36 -14.23
CA LEU A 388 -3.92 -0.66 -14.69
C LEU A 388 -2.91 0.23 -13.94
N CYS A 389 -1.66 -0.22 -13.97
CA CYS A 389 -0.51 0.63 -13.56
C CYS A 389 0.54 0.50 -14.63
N VAL A 390 0.67 1.60 -15.39
CA VAL A 390 1.61 1.64 -16.50
C VAL A 390 2.96 2.08 -15.95
N THR A 391 3.94 1.16 -16.02
CA THR A 391 5.18 1.26 -15.20
C THR A 391 6.39 1.33 -16.13
N ALA A 392 7.36 2.20 -15.84
CA ALA A 392 8.54 2.40 -16.68
C ALA A 392 9.79 2.67 -15.90
N LEU A 393 10.93 2.26 -16.44
CA LEU A 393 12.24 2.68 -15.97
C LEU A 393 12.73 3.86 -16.79
N GLY A 394 13.60 4.64 -16.20
CA GLY A 394 14.29 5.72 -16.88
C GLY A 394 15.55 6.15 -16.20
N GLU A 395 16.37 6.96 -16.89
CA GLU A 395 17.63 7.32 -16.26
CA GLU A 395 17.65 7.43 -16.32
C GLU A 395 17.43 8.27 -15.08
N THR A 396 16.33 9.01 -15.08
CA THR A 396 15.92 9.91 -14.04
C THR A 396 14.41 9.71 -13.82
N VAL A 397 13.90 10.22 -12.72
CA VAL A 397 12.46 10.17 -12.46
C VAL A 397 11.70 10.90 -13.58
N ALA A 398 12.25 12.00 -14.04
CA ALA A 398 11.66 12.74 -15.12
C ALA A 398 11.52 11.87 -16.39
N GLN A 399 12.55 11.10 -16.71
CA GLN A 399 12.53 10.25 -17.92
C GLN A 399 11.61 9.06 -17.69
N ALA A 400 11.60 8.49 -16.49
CA ALA A 400 10.67 7.39 -16.18
C ALA A 400 9.22 7.88 -16.31
N GLN A 401 8.99 9.10 -15.84
CA GLN A 401 7.66 9.69 -15.95
C GLN A 401 7.27 9.85 -17.40
N GLN A 402 8.18 10.41 -18.20
CA GLN A 402 7.88 10.58 -19.61
CA GLN A 402 7.89 10.56 -19.64
C GLN A 402 7.50 9.27 -20.30
N TYR A 403 8.29 8.23 -20.06
CA TYR A 403 8.09 6.98 -20.69
C TYR A 403 6.81 6.32 -20.22
N ALA A 404 6.53 6.36 -18.91
CA ALA A 404 5.29 5.77 -18.40
C ALA A 404 4.04 6.41 -19.05
N TYR A 405 4.00 7.75 -19.12
CA TYR A 405 2.85 8.41 -19.73
C TYR A 405 2.82 8.11 -21.24
N GLN A 406 3.98 7.94 -21.90
CA GLN A 406 4.02 7.56 -23.32
CA GLN A 406 3.99 7.58 -23.31
C GLN A 406 3.37 6.19 -23.52
N LEU A 407 3.75 5.24 -22.68
CA LEU A 407 3.20 3.90 -22.79
C LEU A 407 1.70 3.85 -22.49
N ALA A 408 1.22 4.76 -21.66
CA ALA A 408 -0.20 4.85 -21.29
C ALA A 408 -1.09 5.46 -22.36
N GLU A 409 -0.46 6.19 -23.28
CA GLU A 409 -1.22 7.05 -24.16
CA GLU A 409 -1.14 7.07 -24.25
C GLU A 409 -2.32 6.39 -24.95
N GLY A 410 -2.09 5.23 -25.52
CA GLY A 410 -3.21 4.69 -26.34
C GLY A 410 -4.27 3.85 -25.65
N ILE A 411 -4.16 3.74 -24.33
CA ILE A 411 -5.01 2.79 -23.61
C ILE A 411 -6.28 3.54 -23.24
N GLN A 412 -7.43 3.00 -23.66
CA GLN A 412 -8.67 3.75 -23.68
CA GLN A 412 -8.63 3.79 -23.45
C GLN A 412 -9.86 2.92 -23.24
N TRP A 413 -10.74 3.55 -22.48
CA TRP A 413 -12.11 3.08 -22.27
C TRP A 413 -12.86 4.28 -21.77
N GLU A 414 -14.20 4.22 -21.81
CA GLU A 414 -14.98 5.35 -21.41
C GLU A 414 -14.88 5.67 -19.90
N GLY A 415 -14.34 6.85 -19.57
CA GLY A 415 -14.15 7.27 -18.22
C GLY A 415 -12.75 7.06 -17.68
N VAL A 416 -11.83 6.53 -18.48
CA VAL A 416 -10.43 6.35 -18.02
C VAL A 416 -9.89 7.68 -17.53
N PHE A 417 -9.15 7.65 -16.42
CA PHE A 417 -8.48 8.85 -15.95
C PHE A 417 -7.23 8.51 -15.13
N CYS A 418 -6.39 9.52 -15.00
CA CYS A 418 -5.14 9.41 -14.20
C CYS A 418 -4.75 10.76 -13.69
N ARG A 419 -3.93 10.79 -12.65
CA ARG A 419 -3.19 11.99 -12.33
C ARG A 419 -2.10 12.17 -13.40
N LYS A 420 -1.76 13.44 -13.64
CA LYS A 420 -0.73 13.77 -14.62
CA LYS A 420 -0.78 13.89 -14.61
C LYS A 420 0.58 14.20 -13.98
N ASP A 421 0.64 14.17 -12.64
CA ASP A 421 1.78 14.66 -11.92
C ASP A 421 2.47 13.60 -11.05
N ILE A 422 2.34 12.32 -11.38
CA ILE A 422 3.01 11.30 -10.63
C ILE A 422 4.53 11.56 -10.70
N GLY A 423 5.21 11.60 -9.56
CA GLY A 423 6.64 11.84 -9.50
C GLY A 423 7.05 13.29 -9.24
N TYR A 424 6.08 14.23 -9.17
CA TYR A 424 6.44 15.64 -9.19
C TYR A 424 7.42 16.06 -8.11
N ARG A 425 7.34 15.48 -6.92
CA ARG A 425 8.22 15.92 -5.87
C ARG A 425 9.67 15.53 -6.11
N ALA A 426 9.92 14.43 -6.82
CA ALA A 426 11.27 14.04 -7.16
C ALA A 426 11.77 14.84 -8.38
N ILE A 427 10.89 15.08 -9.36
CA ILE A 427 11.27 15.80 -10.58
C ILE A 427 11.61 17.22 -10.22
N ALA A 428 10.93 17.80 -9.23
CA ALA A 428 11.18 19.17 -8.77
C ALA A 428 12.57 19.32 -8.14
N ARG A 429 13.19 18.22 -7.70
CA ARG A 429 14.57 18.19 -7.15
C ARG A 429 15.58 17.92 -8.19
N GLY A 430 15.16 17.71 -9.44
CA GLY A 430 16.12 17.31 -10.48
C GLY A 430 16.50 15.87 -10.47
N LYS A 431 15.66 15.04 -9.84
CA LYS A 431 15.89 13.61 -9.75
CA LYS A 431 15.95 13.62 -9.78
C LYS A 431 15.22 12.81 -10.86
C1 GOL B . 3.70 12.94 -1.21
O1 GOL B . 3.89 13.64 0.00
C2 GOL B . 2.55 13.54 -1.94
O2 GOL B . 2.74 14.92 -2.15
C3 GOL B . 2.39 12.81 -3.26
O3 GOL B . 1.06 13.02 -3.69
C1 GOL C . 3.38 14.13 -17.18
O1 GOL C . 2.00 14.24 -17.50
C2 GOL C . 4.34 14.45 -18.33
O2 GOL C . 3.75 15.35 -19.23
C3 GOL C . 4.81 13.20 -19.09
O3 GOL C . 5.55 13.50 -20.27
C1 PGE D . -2.02 -14.42 19.30
O1 PGE D . -2.68 -15.70 18.95
C2 PGE D . -2.82 -13.08 19.27
O2 PGE D . -4.25 -13.30 19.33
C3 PGE D . -5.05 -12.44 18.50
C4 PGE D . -5.36 -13.25 17.25
O4 PGE D . -7.92 -11.16 14.34
C6 PGE D . -8.10 -12.04 15.43
C5 PGE D . -7.07 -11.75 16.49
O3 PGE D . -5.87 -12.48 16.18
C1 PEG E . -14.24 30.86 17.48
O1 PEG E . -12.85 30.79 17.76
C2 PEG E . -14.75 29.73 16.57
O2 PEG E . -15.79 29.03 17.29
C3 PEG E . -16.73 28.28 16.51
C4 PEG E . -18.22 28.58 16.49
O4 PEG E . -18.82 27.73 15.46
C1 EDO F . 19.16 1.38 -4.31
O1 EDO F . 19.33 1.98 -5.62
C2 EDO F . 17.73 0.84 -4.16
O2 EDO F . 16.71 1.85 -4.15
C1 BME G . -5.16 9.11 -20.59
C1 BME G . -3.16 8.58 -20.06
C2 BME G . -5.67 8.50 -19.28
C2 BME G . -3.86 7.98 -18.84
O1 BME G . -5.87 8.64 -21.74
O1 BME G . -2.72 9.92 -19.81
S2 BME G . -4.19 8.31 -18.24
S2 BME G . -5.00 9.15 -18.02
S SO4 H . -8.89 -0.90 -5.62
O1 SO4 H . -9.69 -2.00 -6.13
O2 SO4 H . -8.59 -0.06 -6.76
O3 SO4 H . -7.73 -1.61 -4.99
O4 SO4 H . -9.49 -0.19 -4.47
S SO4 I . 16.50 3.52 -1.26
O1 SO4 I . 15.54 2.62 -1.82
O2 SO4 I . 15.86 4.87 -0.96
O3 SO4 I . 17.63 3.65 -2.17
O4 SO4 I . 16.95 2.96 0.02
S SO4 J . 3.72 -12.75 26.31
O1 SO4 J . 2.58 -13.42 25.70
O2 SO4 J . 3.26 -11.56 27.02
O3 SO4 J . 4.66 -12.39 25.26
O4 SO4 J . 4.41 -13.63 27.25
S SO4 K . -14.40 12.36 4.76
O1 SO4 K . -15.17 13.60 4.78
O2 SO4 K . -13.00 12.71 4.50
O3 SO4 K . -14.99 11.60 3.65
O4 SO4 K . -14.52 11.62 6.03
S SO4 L . -10.38 -1.18 13.40
O1 SO4 L . -11.83 -1.09 13.41
O2 SO4 L . -9.77 -0.08 14.11
O3 SO4 L . -9.88 -1.12 12.01
O4 SO4 L . -10.02 -2.45 14.06
NA NA M . -0.69 2.63 -2.29
#